data_8VIG
#
_entry.id   8VIG
#
_cell.length_a   47.177
_cell.length_b   95.639
_cell.length_c   101.392
_cell.angle_alpha   90.000
_cell.angle_beta   90.000
_cell.angle_gamma   90.000
#
_symmetry.space_group_name_H-M   'P 21 21 21'
#
loop_
_entity.id
_entity.type
_entity.pdbx_description
1 polymer 'Sulfoxide synthase EgtB-IV'
2 non-polymer 'FE (III) ION'
3 non-polymer N,N,N-trimethyl-histidine
4 non-polymer 1,2-ETHANEDIOL
5 non-polymer 'SODIUM ION'
6 water water
#
_entity_poly.entity_id   1
_entity_poly.type   'polypeptide(L)'
_entity_poly.pdbx_seq_one_letter_code
;MGSSHHHHHHSSGLVPRGSHMTMEYSLPLNSCDREQILSYFEESWWKEDCLFNSIKKEEIFYTNPDPLRNPLIFYLGHSA
VFYINKMRRAGMIKESINEGYEEMYAVGVDPENAEQLREKIVKIKWDRVEEVWDYRKRAYEKIREAIENTSLDLPITEEN
PWWSVIMGIEHQRIHIETSSMLIRQVEEKWLEKPSGWEYASTRGVNPSQEMVKVEGGRVRIGRDRNDNYYGWDVDFGKKE
VEVKDFWVSKYLVTNGEFLRFVEEGGYENPEYWHEEGWIWKEENGVKHPKFWGKRGEEGYRYRLMFEEVELPLDFPVEVS
LYEAMAYCRYLGGRDGCNYRLMTEGEWHLASRKEGEKGEDYNLNFRYHSPTPVGSMREARSDSGVYDCRGNVWEWLGEKL
KPLEGFTTHYLYEDYSAPFFDDNHYLLIGGSWASSGHSASRFYRNWFRPYFYQHAGFRLVLAE
;
_entity_poly.pdbx_strand_id   A
#
# COMPACT_ATOMS: atom_id res chain seq x y z
N VAL A 15 2.31 -22.43 7.51
CA VAL A 15 1.15 -22.53 6.57
C VAL A 15 1.67 -22.14 5.18
N PRO A 16 1.55 -23.04 4.19
CA PRO A 16 2.05 -22.74 2.87
C PRO A 16 1.30 -21.56 2.25
N ARG A 17 1.99 -20.81 1.40
CA ARG A 17 1.30 -19.71 0.68
C ARG A 17 0.62 -20.28 -0.56
N GLY A 18 -0.37 -19.56 -1.08
CA GLY A 18 -1.15 -20.06 -2.20
C GLY A 18 -2.20 -21.08 -1.83
N SER A 19 -2.43 -21.32 -0.54
CA SER A 19 -3.40 -22.28 -0.07
C SER A 19 -4.79 -21.63 0.03
N HIS A 20 -5.76 -22.44 0.44
CA HIS A 20 -7.14 -21.95 0.58
C HIS A 20 -7.24 -20.79 1.58
N MET A 21 -6.34 -20.71 2.56
CA MET A 21 -6.36 -19.60 3.53
C MET A 21 -5.14 -18.70 3.41
N THR A 22 -4.37 -18.82 2.34
CA THR A 22 -3.24 -17.94 2.08
C THR A 22 -3.22 -17.55 0.61
N MET A 23 -4.37 -17.07 0.13
CA MET A 23 -4.50 -16.70 -1.28
C MET A 23 -3.56 -15.55 -1.64
N GLU A 24 -2.87 -15.71 -2.77
CA GLU A 24 -1.89 -14.75 -3.26
C GLU A 24 -2.29 -14.24 -4.63
N TYR A 25 -1.94 -12.98 -4.90
CA TYR A 25 -2.17 -12.35 -6.20
C TYR A 25 -0.90 -12.33 -7.07
N SER A 26 0.23 -12.80 -6.55
CA SER A 26 1.50 -12.75 -7.25
C SER A 26 1.77 -14.08 -7.95
N LEU A 27 2.91 -14.13 -8.65
CA LEU A 27 3.27 -15.31 -9.46
C LEU A 27 3.64 -16.50 -8.58
N PRO A 28 3.07 -17.68 -8.81
CA PRO A 28 3.61 -18.88 -8.16
C PRO A 28 4.97 -19.22 -8.75
N LEU A 29 6.02 -19.02 -7.97
CA LEU A 29 7.37 -19.07 -8.50
C LEU A 29 7.87 -20.48 -8.74
N ASN A 30 7.13 -21.50 -8.33
CA ASN A 30 7.48 -22.88 -8.65
C ASN A 30 6.70 -23.43 -9.83
N SER A 31 5.87 -22.61 -10.50
CA SER A 31 5.06 -23.16 -11.59
C SER A 31 4.72 -22.14 -12.68
N CYS A 32 5.36 -20.98 -12.72
CA CYS A 32 5.00 -19.96 -13.70
C CYS A 32 5.77 -20.16 -15.00
N ASP A 33 5.05 -20.24 -16.11
CA ASP A 33 5.74 -20.34 -17.39
C ASP A 33 6.12 -18.95 -17.89
N ARG A 34 6.95 -18.94 -18.94
CA ARG A 34 7.43 -17.70 -19.53
C ARG A 34 6.29 -16.75 -19.88
N GLU A 35 5.22 -17.27 -20.47
CA GLU A 35 4.13 -16.41 -20.87
C GLU A 35 3.43 -15.82 -19.66
N GLN A 36 3.34 -16.60 -18.57
CA GLN A 36 2.76 -16.06 -17.35
C GLN A 36 3.61 -14.92 -16.79
N ILE A 37 4.94 -15.06 -16.85
CA ILE A 37 5.81 -13.99 -16.39
C ILE A 37 5.67 -12.77 -17.29
N LEU A 38 5.70 -12.99 -18.61
CA LEU A 38 5.55 -11.88 -19.54
C LEU A 38 4.25 -11.11 -19.32
N SER A 39 3.15 -11.83 -19.12
CA SER A 39 1.87 -11.16 -18.94
CA SER A 39 1.86 -11.17 -18.93
C SER A 39 1.82 -10.41 -17.61
N TYR A 40 2.44 -10.97 -16.57
CA TYR A 40 2.50 -10.31 -15.26
C TYR A 40 3.33 -9.03 -15.35
N PHE A 41 4.45 -9.10 -16.07
CA PHE A 41 5.30 -7.93 -16.32
C PHE A 41 4.53 -6.87 -17.10
N GLU A 42 3.91 -7.28 -18.22
CA GLU A 42 3.21 -6.35 -19.09
C GLU A 42 2.08 -5.66 -18.35
N GLU A 43 1.28 -6.43 -17.60
CA GLU A 43 0.18 -5.83 -16.87
C GLU A 43 0.66 -4.75 -15.92
N SER A 44 1.76 -5.03 -15.20
CA SER A 44 2.31 -4.03 -14.29
C SER A 44 2.79 -2.79 -15.04
N TRP A 45 3.57 -2.99 -16.10
CA TRP A 45 4.15 -1.83 -16.80
C TRP A 45 3.06 -1.00 -17.45
N TRP A 46 2.11 -1.66 -18.12
CA TRP A 46 1.04 -0.92 -18.77
C TRP A 46 0.17 -0.18 -17.76
N LYS A 47 -0.05 -0.77 -16.58
CA LYS A 47 -0.81 -0.08 -15.54
C LYS A 47 -0.09 1.18 -15.09
N GLU A 48 1.24 1.10 -14.93
CA GLU A 48 1.99 2.28 -14.54
C GLU A 48 1.97 3.33 -15.64
N ASP A 49 2.10 2.91 -16.89
CA ASP A 49 1.96 3.85 -18.02
C ASP A 49 0.64 4.58 -17.95
N CYS A 50 -0.44 3.82 -17.81
CA CYS A 50 -1.78 4.37 -17.69
CA CYS A 50 -1.77 4.41 -17.73
C CYS A 50 -1.86 5.43 -16.61
N LEU A 51 -1.32 5.10 -15.43
CA LEU A 51 -1.34 6.05 -14.33
C LEU A 51 -0.64 7.35 -14.70
N PHE A 52 0.58 7.25 -15.23
CA PHE A 52 1.31 8.47 -15.54
C PHE A 52 0.70 9.21 -16.73
N ASN A 53 0.04 8.50 -17.64
CA ASN A 53 -0.61 9.19 -18.75
C ASN A 53 -1.83 9.97 -18.33
N SER A 54 -2.29 9.83 -17.07
CA SER A 54 -3.38 10.65 -16.57
C SER A 54 -3.00 12.12 -16.42
N ILE A 55 -1.70 12.42 -16.36
CA ILE A 55 -1.24 13.80 -16.21
C ILE A 55 -1.25 14.49 -17.57
N LYS A 56 -2.07 15.53 -17.71
CA LYS A 56 -2.31 16.17 -19.01
C LYS A 56 -1.55 17.48 -19.19
N LYS A 57 -0.71 17.87 -18.24
CA LYS A 57 0.18 19.01 -18.41
C LYS A 57 1.60 18.55 -18.12
N GLU A 58 2.47 18.61 -19.14
CA GLU A 58 3.81 18.05 -19.01
C GLU A 58 4.55 18.59 -17.79
N GLU A 59 4.44 19.90 -17.55
CA GLU A 59 5.24 20.52 -16.50
C GLU A 59 4.85 20.06 -15.10
N ILE A 60 3.67 19.47 -14.94
CA ILE A 60 3.31 18.90 -13.63
C ILE A 60 4.27 17.80 -13.21
N PHE A 61 4.95 17.16 -14.16
CA PHE A 61 5.94 16.15 -13.83
C PHE A 61 7.10 16.72 -13.02
N TYR A 62 7.32 18.04 -13.06
CA TYR A 62 8.38 18.68 -12.29
C TYR A 62 7.91 19.16 -10.93
N THR A 63 6.66 18.90 -10.57
CA THR A 63 6.20 19.20 -9.22
C THR A 63 6.41 17.98 -8.33
N ASN A 64 6.47 18.23 -7.03
CA ASN A 64 6.50 17.17 -6.03
C ASN A 64 5.23 17.32 -5.21
N PRO A 65 4.12 16.76 -5.70
CA PRO A 65 2.82 17.01 -5.06
C PRO A 65 2.78 16.57 -3.61
N ASP A 66 3.50 15.52 -3.26
CA ASP A 66 3.74 15.20 -1.86
C ASP A 66 5.07 15.82 -1.50
N PRO A 67 5.12 16.85 -0.64
CA PRO A 67 6.40 17.50 -0.32
C PRO A 67 7.40 16.59 0.37
N LEU A 68 7.00 15.41 0.82
CA LEU A 68 7.95 14.49 1.43
C LEU A 68 8.53 13.51 0.41
N ARG A 69 8.21 13.67 -0.88
CA ARG A 69 8.71 12.76 -1.91
C ARG A 69 9.28 13.54 -3.08
N ASN A 70 9.97 12.82 -3.97
CA ASN A 70 10.59 13.44 -5.15
C ASN A 70 9.56 13.89 -6.17
N PRO A 71 9.95 14.70 -7.15
CA PRO A 71 9.00 15.09 -8.21
C PRO A 71 8.56 13.89 -9.04
N LEU A 72 7.40 14.07 -9.69
CA LEU A 72 6.80 12.98 -10.46
C LEU A 72 7.77 12.43 -11.51
N ILE A 73 8.58 13.31 -12.12
CA ILE A 73 9.50 12.87 -13.16
C ILE A 73 10.47 11.83 -12.63
N PHE A 74 10.88 11.96 -11.37
CA PHE A 74 11.76 10.96 -10.78
C PHE A 74 11.09 9.59 -10.77
N TYR A 75 9.81 9.54 -10.36
CA TYR A 75 9.13 8.25 -10.26
C TYR A 75 8.80 7.71 -11.64
N LEU A 76 8.65 8.58 -12.64
CA LEU A 76 8.44 8.08 -14.00
C LEU A 76 9.65 7.27 -14.47
N GLY A 77 10.87 7.73 -14.16
CA GLY A 77 12.04 6.99 -14.57
C GLY A 77 12.41 5.87 -13.61
N HIS A 78 12.01 6.00 -12.34
CA HIS A 78 12.49 5.16 -11.27
C HIS A 78 12.16 3.67 -11.49
N SER A 79 10.91 3.36 -11.84
CA SER A 79 10.56 1.95 -11.98
C SER A 79 11.32 1.28 -13.12
N ALA A 80 11.56 2.02 -14.20
CA ALA A 80 12.28 1.46 -15.34
C ALA A 80 13.74 1.23 -14.99
N VAL A 81 14.37 2.22 -14.36
CA VAL A 81 15.78 2.11 -14.00
C VAL A 81 15.99 0.97 -13.01
N PHE A 82 15.03 0.77 -12.09
CA PHE A 82 15.17 -0.27 -11.08
C PHE A 82 15.29 -1.66 -11.73
N TYR A 83 14.41 -1.94 -12.72
CA TYR A 83 14.51 -3.20 -13.44
C TYR A 83 15.88 -3.38 -14.05
N ILE A 84 16.36 -2.36 -14.75
CA ILE A 84 17.64 -2.47 -15.47
C ILE A 84 18.78 -2.68 -14.48
N ASN A 85 18.79 -1.94 -13.38
CA ASN A 85 19.86 -2.06 -12.40
C ASN A 85 19.87 -3.45 -11.78
N LYS A 86 18.69 -3.97 -11.39
CA LYS A 86 18.71 -5.26 -10.70
C LYS A 86 18.98 -6.41 -11.67
N MET A 87 18.40 -6.36 -12.87
CA MET A 87 18.66 -7.42 -13.83
C MET A 87 20.10 -7.40 -14.33
N ARG A 88 20.72 -6.23 -14.39
CA ARG A 88 22.14 -6.20 -14.70
C ARG A 88 22.96 -6.83 -13.58
N ARG A 89 22.62 -6.52 -12.34
CA ARG A 89 23.35 -7.10 -11.21
C ARG A 89 23.16 -8.60 -11.14
N ALA A 90 22.00 -9.11 -11.54
CA ALA A 90 21.76 -10.53 -11.51
C ALA A 90 22.31 -11.24 -12.73
N GLY A 91 22.75 -10.50 -13.74
CA GLY A 91 23.25 -11.08 -14.96
C GLY A 91 22.20 -11.33 -16.03
N MET A 92 20.94 -10.94 -15.81
CA MET A 92 19.92 -11.17 -16.83
C MET A 92 20.06 -10.21 -18.00
N ILE A 93 20.61 -9.03 -17.77
CA ILE A 93 20.89 -8.04 -18.79
C ILE A 93 22.36 -7.68 -18.68
N LYS A 94 23.02 -7.47 -19.82
CA LYS A 94 24.43 -7.12 -19.80
C LYS A 94 24.67 -5.62 -19.91
N GLU A 95 24.11 -4.96 -20.91
CA GLU A 95 24.44 -3.58 -21.20
C GLU A 95 23.55 -2.60 -20.45
N SER A 96 24.11 -1.44 -20.15
CA SER A 96 23.32 -0.32 -19.66
C SER A 96 22.63 0.38 -20.81
N ILE A 97 21.50 1.04 -20.51
CA ILE A 97 20.85 1.88 -21.50
C ILE A 97 21.31 3.32 -21.38
N ASN A 98 21.33 3.86 -20.17
CA ASN A 98 21.87 5.19 -19.92
C ASN A 98 22.37 5.17 -18.48
N GLU A 99 23.70 5.16 -18.31
CA GLU A 99 24.27 5.08 -16.97
C GLU A 99 23.90 6.29 -16.12
N GLY A 100 23.83 7.47 -16.75
CA GLY A 100 23.43 8.65 -16.00
C GLY A 100 22.03 8.54 -15.44
N TYR A 101 21.08 8.12 -16.28
CA TYR A 101 19.72 7.89 -15.82
C TYR A 101 19.69 6.80 -14.77
N GLU A 102 20.46 5.75 -14.98
CA GLU A 102 20.39 4.60 -14.05
C GLU A 102 20.96 4.98 -12.69
N GLU A 103 21.68 6.09 -12.63
CA GLU A 103 22.16 6.56 -11.30
C GLU A 103 21.17 7.59 -10.76
N MET A 104 20.75 8.54 -11.57
CA MET A 104 19.91 9.65 -11.07
C MET A 104 18.54 9.15 -10.61
N TYR A 105 18.00 8.15 -11.30
CA TYR A 105 16.62 7.73 -10.98
C TYR A 105 16.61 6.46 -10.13
N ALA A 106 17.74 6.09 -9.55
CA ALA A 106 17.81 4.80 -8.81
C ALA A 106 17.35 4.90 -7.36
N VAL A 107 17.65 5.99 -6.68
CA VAL A 107 17.43 6.01 -5.21
C VAL A 107 16.31 6.96 -4.79
N GLY A 108 15.28 6.39 -4.18
CA GLY A 108 14.15 7.17 -3.66
C GLY A 108 14.44 7.82 -2.33
N VAL A 109 13.43 8.45 -1.74
CA VAL A 109 13.66 9.24 -0.50
C VAL A 109 12.57 8.93 0.53
N ASP A 110 12.92 9.13 1.81
CA ASP A 110 11.94 8.94 2.91
C ASP A 110 12.34 9.95 4.00
N PRO A 111 12.20 11.26 3.74
CA PRO A 111 12.54 12.27 4.74
C PRO A 111 11.47 12.39 5.85
CA ILE A 124 19.26 18.32 -9.42
C ILE A 124 18.62 18.86 -10.70
N LYS A 125 19.22 18.55 -11.84
CA LYS A 125 18.70 18.93 -13.15
C LYS A 125 17.96 17.72 -13.73
N TRP A 126 16.64 17.82 -13.80
CA TRP A 126 15.84 16.71 -14.29
C TRP A 126 15.81 16.71 -15.81
N ASP A 127 15.60 15.52 -16.38
CA ASP A 127 15.46 15.40 -17.81
C ASP A 127 14.05 15.80 -18.26
N ARG A 128 13.87 15.95 -19.57
CA ARG A 128 12.56 16.25 -20.11
C ARG A 128 11.66 15.02 -20.04
N VAL A 129 10.35 15.26 -19.92
CA VAL A 129 9.39 14.17 -19.81
C VAL A 129 9.51 13.21 -21.00
N GLU A 130 9.65 13.77 -22.21
CA GLU A 130 9.75 12.91 -23.38
C GLU A 130 10.99 12.02 -23.33
N GLU A 131 12.08 12.55 -22.77
CA GLU A 131 13.30 11.76 -22.64
C GLU A 131 13.12 10.61 -21.67
N VAL A 132 12.41 10.85 -20.57
CA VAL A 132 12.21 9.79 -19.58
C VAL A 132 11.27 8.72 -20.15
N TRP A 133 10.20 9.14 -20.84
CA TRP A 133 9.36 8.17 -21.55
C TRP A 133 10.19 7.38 -22.55
N ASP A 134 11.15 8.04 -23.21
CA ASP A 134 12.00 7.34 -24.16
C ASP A 134 12.88 6.30 -23.46
N TYR A 135 13.43 6.65 -22.29
CA TYR A 135 14.16 5.67 -21.53
C TYR A 135 13.26 4.49 -21.20
N ARG A 136 12.03 4.77 -20.72
CA ARG A 136 11.10 3.70 -20.37
C ARG A 136 10.86 2.76 -21.55
N LYS A 137 10.70 3.32 -22.76
CA LYS A 137 10.44 2.48 -23.92
C LYS A 137 11.64 1.59 -24.22
N ARG A 138 12.84 2.16 -24.14
CA ARG A 138 14.04 1.36 -24.38
C ARG A 138 14.19 0.28 -23.31
N ALA A 139 14.00 0.67 -22.05
CA ALA A 139 14.06 -0.29 -20.95
C ALA A 139 13.04 -1.41 -21.13
N TYR A 140 11.78 -1.04 -21.42
CA TYR A 140 10.74 -2.04 -21.62
C TYR A 140 11.15 -3.06 -22.67
N GLU A 141 11.69 -2.58 -23.80
CA GLU A 141 12.11 -3.48 -24.86
C GLU A 141 13.21 -4.43 -24.39
N LYS A 142 14.21 -3.90 -23.67
CA LYS A 142 15.31 -4.74 -23.22
C LYS A 142 14.84 -5.77 -22.19
N ILE A 143 13.95 -5.35 -21.28
CA ILE A 143 13.45 -6.27 -20.26
C ILE A 143 12.62 -7.37 -20.89
N ARG A 144 11.69 -6.99 -21.77
CA ARG A 144 10.84 -7.98 -22.43
C ARG A 144 11.69 -9.00 -23.18
N GLU A 145 12.70 -8.54 -23.92
CA GLU A 145 13.55 -9.45 -24.66
C GLU A 145 14.26 -10.42 -23.72
N ALA A 146 14.72 -9.92 -22.57
CA ALA A 146 15.37 -10.81 -21.61
C ALA A 146 14.39 -11.86 -21.08
N ILE A 147 13.13 -11.48 -20.87
CA ILE A 147 12.14 -12.45 -20.40
C ILE A 147 11.83 -13.45 -21.50
N GLU A 148 11.84 -12.99 -22.76
CA GLU A 148 11.51 -13.89 -23.87
C GLU A 148 12.63 -14.89 -24.14
N ASN A 149 13.90 -14.49 -23.95
CA ASN A 149 15.02 -15.26 -24.47
C ASN A 149 15.85 -16.01 -23.43
N THR A 150 15.77 -15.64 -22.15
CA THR A 150 16.63 -16.24 -21.15
C THR A 150 16.11 -17.61 -20.74
N SER A 151 17.04 -18.56 -20.57
CA SER A 151 16.67 -19.88 -20.07
C SER A 151 15.97 -19.76 -18.72
N LEU A 152 14.88 -20.50 -18.56
CA LEU A 152 14.05 -20.45 -17.37
C LEU A 152 14.03 -21.84 -16.74
N ASP A 153 14.58 -21.94 -15.52
CA ASP A 153 14.61 -23.17 -14.75
C ASP A 153 13.79 -22.94 -13.49
N LEU A 154 12.63 -23.67 -13.37
CA LEU A 154 11.82 -23.54 -12.16
C LEU A 154 12.33 -24.46 -11.07
N PRO A 155 12.17 -24.08 -9.80
CA PRO A 155 11.51 -22.86 -9.32
C PRO A 155 12.42 -21.62 -9.33
N ILE A 156 11.81 -20.44 -9.39
CA ILE A 156 12.56 -19.19 -9.22
C ILE A 156 12.75 -18.96 -7.72
N THR A 157 13.99 -19.14 -7.27
CA THR A 157 14.39 -18.94 -5.89
C THR A 157 15.24 -17.68 -5.79
N GLU A 158 15.58 -17.31 -4.55
CA GLU A 158 16.27 -16.05 -4.32
C GLU A 158 17.61 -15.95 -5.03
N GLU A 159 18.28 -17.07 -5.27
CA GLU A 159 19.58 -17.06 -5.91
C GLU A 159 19.49 -17.17 -7.42
N ASN A 160 18.31 -17.48 -7.95
CA ASN A 160 18.09 -17.57 -9.38
C ASN A 160 18.10 -16.17 -9.99
N PRO A 161 18.81 -15.95 -11.10
CA PRO A 161 18.83 -14.61 -11.71
C PRO A 161 17.44 -14.05 -11.96
N TRP A 162 16.43 -14.91 -12.19
CA TRP A 162 15.08 -14.46 -12.46
C TRP A 162 14.46 -13.72 -11.27
N TRP A 163 15.01 -13.91 -10.06
CA TRP A 163 14.52 -13.12 -8.93
C TRP A 163 14.59 -11.62 -9.22
N SER A 164 15.55 -11.19 -10.06
CA SER A 164 15.64 -9.76 -10.35
C SER A 164 14.43 -9.30 -11.14
N VAL A 165 13.93 -10.15 -12.05
CA VAL A 165 12.72 -9.82 -12.80
C VAL A 165 11.54 -9.69 -11.87
N ILE A 166 11.36 -10.69 -11.01
CA ILE A 166 10.23 -10.67 -10.08
C ILE A 166 10.33 -9.47 -9.15
N MET A 167 11.51 -9.25 -8.56
CA MET A 167 11.74 -8.06 -7.74
C MET A 167 11.38 -6.80 -8.51
N GLY A 168 11.83 -6.69 -9.76
CA GLY A 168 11.51 -5.51 -10.56
C GLY A 168 10.03 -5.29 -10.74
N ILE A 169 9.28 -6.36 -11.02
CA ILE A 169 7.84 -6.23 -11.19
C ILE A 169 7.18 -5.84 -9.87
N GLU A 170 7.57 -6.51 -8.79
CA GLU A 170 6.93 -6.23 -7.51
C GLU A 170 7.22 -4.82 -7.05
N HIS A 171 8.42 -4.33 -7.37
CA HIS A 171 8.76 -2.92 -7.05
C HIS A 171 7.89 -1.95 -7.86
N GLN A 172 7.71 -2.25 -9.14
CA GLN A 172 6.88 -1.37 -10.00
C GLN A 172 5.44 -1.35 -9.46
N ARG A 173 4.98 -2.51 -9.00
CA ARG A 173 3.59 -2.60 -8.51
C ARG A 173 3.44 -1.76 -7.25
N ILE A 174 4.45 -1.80 -6.40
CA ILE A 174 4.42 -0.90 -5.21
C ILE A 174 4.34 0.56 -5.69
N HIS A 175 5.18 0.93 -6.65
CA HIS A 175 5.22 2.35 -7.09
C HIS A 175 3.94 2.77 -7.83
N ILE A 176 3.26 1.83 -8.49
CA ILE A 176 1.96 2.24 -9.09
C ILE A 176 1.12 2.80 -7.94
N GLU A 177 1.10 2.07 -6.83
CA GLU A 177 0.25 2.53 -5.71
C GLU A 177 0.81 3.81 -5.08
N THR A 178 2.11 3.84 -4.82
CA THR A 178 2.68 5.03 -4.13
C THR A 178 2.58 6.26 -5.04
N SER A 179 2.81 6.05 -6.33
CA SER A 179 2.66 7.18 -7.29
C SER A 179 1.20 7.60 -7.41
N SER A 180 0.29 6.65 -7.26
CA SER A 180 -1.15 7.03 -7.29
C SER A 180 -1.44 8.02 -6.15
N MET A 181 -0.80 7.80 -5.01
CA MET A 181 -1.01 8.75 -3.89
C MET A 181 -0.36 10.11 -4.22
N LEU A 182 0.74 10.11 -4.97
CA LEU A 182 1.29 11.40 -5.38
C LEU A 182 0.32 12.11 -6.34
N ILE A 183 -0.22 11.38 -7.30
CA ILE A 183 -1.08 11.98 -8.31
C ILE A 183 -2.40 12.43 -7.68
N ARG A 184 -2.86 11.73 -6.64
CA ARG A 184 -4.04 12.16 -5.90
C ARG A 184 -3.88 13.55 -5.30
N GLN A 185 -2.64 14.00 -5.10
CA GLN A 185 -2.33 15.30 -4.53
C GLN A 185 -2.06 16.36 -5.59
N VAL A 186 -2.16 16.01 -6.87
CA VAL A 186 -2.07 16.95 -7.97
C VAL A 186 -3.45 17.55 -8.18
N GLU A 187 -3.50 18.84 -8.52
CA GLU A 187 -4.80 19.48 -8.77
C GLU A 187 -5.56 18.75 -9.87
N GLU A 188 -6.86 18.53 -9.64
CA GLU A 188 -7.61 17.70 -10.56
C GLU A 188 -7.73 18.31 -11.96
N LYS A 189 -7.54 19.63 -12.08
CA LYS A 189 -7.63 20.28 -13.39
C LYS A 189 -6.53 19.83 -14.35
N TRP A 190 -5.44 19.23 -13.84
CA TRP A 190 -4.36 18.73 -14.69
C TRP A 190 -4.46 17.24 -14.97
N LEU A 191 -5.55 16.58 -14.58
CA LEU A 191 -5.64 15.13 -14.64
C LEU A 191 -6.91 14.71 -15.34
N GLU A 192 -6.89 13.50 -15.93
CA GLU A 192 -8.10 12.86 -16.40
C GLU A 192 -8.02 11.38 -16.06
N LYS A 193 -9.08 10.85 -15.47
CA LYS A 193 -9.14 9.43 -15.13
C LYS A 193 -8.94 8.56 -16.38
N PRO A 194 -8.07 7.55 -16.33
CA PRO A 194 -7.92 6.68 -17.51
C PRO A 194 -9.23 5.96 -17.85
N SER A 195 -9.45 5.77 -19.14
CA SER A 195 -10.61 5.00 -19.57
C SER A 195 -10.54 3.59 -19.01
N GLY A 196 -11.68 3.10 -18.54
CA GLY A 196 -11.75 1.78 -17.96
C GLY A 196 -11.55 1.75 -16.45
N TRP A 197 -10.91 2.77 -15.87
CA TRP A 197 -10.78 2.84 -14.43
C TRP A 197 -12.09 3.37 -13.84
N GLU A 198 -12.67 2.61 -12.91
CA GLU A 198 -13.92 3.02 -12.31
C GLU A 198 -13.79 3.07 -10.79
N TYR A 199 -14.41 4.09 -10.20
CA TYR A 199 -14.51 4.19 -8.75
C TYR A 199 -15.64 3.30 -8.26
N ALA A 200 -15.58 2.92 -6.99
CA ALA A 200 -16.75 2.40 -6.33
C ALA A 200 -17.67 3.55 -5.93
N SER A 201 -18.97 3.29 -5.99
CA SER A 201 -19.92 4.28 -5.55
C SER A 201 -20.15 4.16 -4.04
N THR A 202 -20.49 5.28 -3.41
CA THR A 202 -21.05 5.21 -2.07
C THR A 202 -22.39 4.49 -2.15
N ARG A 203 -22.79 3.84 -1.05
CA ARG A 203 -24.11 3.27 -0.96
C ARG A 203 -25.01 4.04 0.00
N GLY A 204 -24.52 5.12 0.58
CA GLY A 204 -25.28 5.92 1.53
C GLY A 204 -24.55 6.06 2.85
N VAL A 205 -25.31 6.06 3.95
CA VAL A 205 -24.74 6.32 5.27
C VAL A 205 -23.84 5.15 5.70
N ASN A 206 -22.94 5.46 6.63
CA ASN A 206 -22.06 4.42 7.17
C ASN A 206 -22.88 3.37 7.91
N PRO A 207 -22.64 2.08 7.70
CA PRO A 207 -23.34 1.04 8.46
C PRO A 207 -22.87 1.04 9.90
N SER A 208 -23.76 0.62 10.79
CA SER A 208 -23.50 0.70 12.22
C SER A 208 -22.30 -0.13 12.63
N GLN A 209 -21.36 0.52 13.32
CA GLN A 209 -20.15 -0.12 13.80
C GLN A 209 -20.49 -1.12 14.90
N GLU A 210 -19.69 -2.19 14.99
CA GLU A 210 -19.92 -3.22 16.00
C GLU A 210 -18.59 -3.88 16.32
N MET A 211 -18.31 -4.05 17.62
CA MET A 211 -17.16 -4.83 18.08
C MET A 211 -17.48 -6.32 18.04
N VAL A 212 -16.55 -7.10 17.53
CA VAL A 212 -16.72 -8.55 17.46
C VAL A 212 -15.50 -9.21 18.11
N LYS A 213 -15.73 -10.38 18.69
CA LYS A 213 -14.68 -11.08 19.43
C LYS A 213 -13.87 -11.98 18.51
N VAL A 214 -12.56 -11.84 18.56
CA VAL A 214 -11.63 -12.73 17.87
C VAL A 214 -10.91 -13.58 18.92
N GLU A 215 -10.94 -14.90 18.72
CA GLU A 215 -10.28 -15.79 19.66
C GLU A 215 -8.77 -15.70 19.51
N GLY A 216 -8.06 -15.74 20.63
CA GLY A 216 -6.62 -15.63 20.63
C GLY A 216 -5.92 -16.92 20.23
N GLY A 217 -4.59 -16.84 20.20
CA GLY A 217 -3.77 -17.99 19.84
C GLY A 217 -2.33 -17.55 19.67
N ARG A 218 -1.46 -18.55 19.46
CA ARG A 218 -0.05 -18.30 19.19
C ARG A 218 0.14 -18.15 17.68
N VAL A 219 0.58 -16.97 17.24
CA VAL A 219 0.57 -16.59 15.84
C VAL A 219 2.00 -16.54 15.32
N ARG A 220 2.21 -17.08 14.12
CA ARG A 220 3.48 -16.99 13.43
C ARG A 220 3.52 -15.74 12.57
N ILE A 221 4.55 -14.91 12.76
CA ILE A 221 4.85 -13.78 11.88
C ILE A 221 6.12 -14.13 11.13
N GLY A 222 6.13 -13.80 9.85
CA GLY A 222 7.29 -14.04 9.01
C GLY A 222 7.17 -15.33 8.21
N ARG A 223 7.78 -15.31 7.03
CA ARG A 223 7.80 -16.47 6.14
C ARG A 223 9.14 -17.18 6.23
N ASP A 224 9.14 -18.45 5.87
CA ASP A 224 10.38 -19.17 5.64
C ASP A 224 10.80 -18.95 4.20
N ARG A 225 12.10 -18.98 3.97
CA ARG A 225 12.63 -18.78 2.63
C ARG A 225 12.26 -19.95 1.72
N ASN A 226 12.39 -19.73 0.42
CA ASN A 226 12.05 -20.73 -0.60
C ASN A 226 10.58 -21.11 -0.46
N ASP A 227 9.73 -20.08 -0.47
CA ASP A 227 8.32 -20.13 -0.11
C ASP A 227 7.38 -20.39 -1.28
N ASN A 228 7.91 -20.55 -2.49
CA ASN A 228 7.17 -20.65 -3.75
C ASN A 228 6.55 -19.33 -4.17
N TYR A 229 6.71 -18.27 -3.38
CA TYR A 229 6.23 -16.94 -3.76
C TYR A 229 7.28 -15.91 -3.41
N TYR A 230 7.19 -14.77 -4.10
CA TYR A 230 8.12 -13.68 -3.86
C TYR A 230 8.01 -13.19 -2.41
N GLY A 231 9.09 -12.60 -1.93
CA GLY A 231 9.06 -11.84 -0.70
C GLY A 231 10.23 -10.89 -0.67
N TRP A 232 10.07 -9.83 0.13
CA TRP A 232 11.19 -8.95 0.44
C TRP A 232 11.89 -9.46 1.70
N ASP A 233 13.12 -8.99 1.91
CA ASP A 233 13.92 -9.52 3.01
C ASP A 233 13.16 -9.45 4.33
N VAL A 234 12.47 -8.34 4.59
CA VAL A 234 11.83 -8.15 5.88
C VAL A 234 10.59 -9.00 6.05
N ASP A 235 10.08 -9.57 4.97
CA ASP A 235 8.96 -10.49 5.04
C ASP A 235 9.36 -11.86 5.58
N PHE A 236 10.66 -12.17 5.59
CA PHE A 236 11.16 -13.49 5.95
C PHE A 236 11.74 -13.46 7.35
N GLY A 237 11.49 -14.50 8.11
CA GLY A 237 11.95 -14.58 9.48
C GLY A 237 10.92 -15.32 10.31
N LYS A 238 11.18 -15.39 11.62
CA LYS A 238 10.31 -16.15 12.50
C LYS A 238 10.11 -15.40 13.80
N LYS A 239 8.85 -15.05 14.08
CA LYS A 239 8.43 -14.49 15.35
C LYS A 239 7.14 -15.19 15.72
N GLU A 240 7.04 -15.68 16.94
CA GLU A 240 5.83 -16.31 17.44
C GLU A 240 5.30 -15.47 18.59
N VAL A 241 4.02 -15.10 18.53
CA VAL A 241 3.44 -14.19 19.51
C VAL A 241 2.18 -14.83 20.08
N GLU A 242 2.04 -14.74 21.40
CA GLU A 242 0.85 -15.21 22.09
C GLU A 242 -0.15 -14.06 22.11
N VAL A 243 -1.27 -14.23 21.39
CA VAL A 243 -2.29 -13.20 21.29
C VAL A 243 -3.48 -13.61 22.16
N LYS A 244 -3.90 -12.71 23.04
CA LYS A 244 -5.07 -12.91 23.86
C LYS A 244 -6.34 -12.66 23.05
N ASP A 245 -7.45 -13.25 23.50
CA ASP A 245 -8.76 -12.91 22.95
C ASP A 245 -8.91 -11.40 22.92
N PHE A 246 -9.47 -10.86 21.82
CA PHE A 246 -9.64 -9.41 21.74
C PHE A 246 -10.91 -9.09 20.97
N TRP A 247 -11.41 -7.87 21.20
CA TRP A 247 -12.58 -7.33 20.51
C TRP A 247 -12.10 -6.29 19.52
N VAL A 248 -12.60 -6.37 18.28
CA VAL A 248 -12.15 -5.53 17.18
C VAL A 248 -13.38 -5.06 16.42
N SER A 249 -13.32 -3.85 15.87
CA SER A 249 -14.47 -3.35 15.14
C SER A 249 -14.60 -4.08 13.82
N LYS A 250 -15.81 -4.50 13.47
CA LYS A 250 -15.96 -5.32 12.28
C LYS A 250 -15.72 -4.50 11.01
N TYR A 251 -15.93 -3.19 11.06
CA TYR A 251 -15.62 -2.31 9.95
C TYR A 251 -14.40 -1.46 10.27
N LEU A 252 -13.67 -1.12 9.22
CA LEU A 252 -12.77 0.00 9.27
C LEU A 252 -13.56 1.24 9.69
N VAL A 253 -12.95 2.11 10.48
CA VAL A 253 -13.65 3.34 10.87
C VAL A 253 -13.98 4.15 9.61
N THR A 254 -15.26 4.56 9.49
CA THR A 254 -15.76 5.21 8.29
C THR A 254 -15.60 6.73 8.33
N ASN A 255 -15.76 7.35 7.16
CA ASN A 255 -15.83 8.81 7.12
C ASN A 255 -16.95 9.33 8.01
N GLY A 256 -18.10 8.66 8.02
CA GLY A 256 -19.21 9.10 8.85
C GLY A 256 -18.89 9.07 10.32
N GLU A 257 -18.22 8.00 10.79
CA GLU A 257 -17.78 7.94 12.18
C GLU A 257 -16.81 9.08 12.47
N PHE A 258 -15.84 9.27 11.57
CA PHE A 258 -14.81 10.28 11.79
C PHE A 258 -15.37 11.69 11.72
N LEU A 259 -16.44 11.88 10.95
CA LEU A 259 -17.09 13.19 10.90
C LEU A 259 -17.57 13.63 12.27
N ARG A 260 -18.07 12.70 13.08
CA ARG A 260 -18.43 13.05 14.46
C ARG A 260 -17.23 13.60 15.22
N PHE A 261 -16.07 12.93 15.09
CA PHE A 261 -14.84 13.41 15.70
C PHE A 261 -14.50 14.84 15.24
N VAL A 262 -14.62 15.10 13.94
CA VAL A 262 -14.30 16.42 13.41
C VAL A 262 -15.27 17.47 13.93
N GLU A 263 -16.57 17.19 13.82
CA GLU A 263 -17.60 18.16 14.17
C GLU A 263 -17.67 18.44 15.67
N GLU A 264 -17.18 17.51 16.50
CA GLU A 264 -17.22 17.68 17.94
C GLU A 264 -15.90 18.23 18.48
N GLY A 265 -15.05 18.77 17.62
CA GLY A 265 -13.84 19.44 18.06
C GLY A 265 -12.66 18.54 18.31
N GLY A 266 -12.65 17.34 17.74
CA GLY A 266 -11.56 16.42 18.02
C GLY A 266 -10.19 16.96 17.65
N TYR A 267 -10.11 17.76 16.57
CA TYR A 267 -8.82 18.31 16.17
C TYR A 267 -8.39 19.49 17.03
N GLU A 268 -9.30 20.06 17.81
CA GLU A 268 -8.98 21.20 18.66
C GLU A 268 -8.81 20.82 20.12
N ASN A 269 -9.05 19.55 20.46
CA ASN A 269 -9.06 19.10 21.85
C ASN A 269 -7.74 18.42 22.20
N PRO A 270 -6.90 19.02 23.04
CA PRO A 270 -5.59 18.40 23.35
C PRO A 270 -5.68 17.08 24.09
N GLU A 271 -6.82 16.76 24.70
CA GLU A 271 -6.96 15.49 25.41
C GLU A 271 -6.83 14.29 24.48
N TYR A 272 -7.05 14.48 23.18
CA TYR A 272 -7.04 13.37 22.24
C TYR A 272 -5.69 13.16 21.58
N TRP A 273 -4.74 14.07 21.78
CA TRP A 273 -3.47 14.06 21.06
C TRP A 273 -2.32 13.98 22.03
N HIS A 274 -1.28 13.27 21.65
CA HIS A 274 -0.03 13.37 22.37
C HIS A 274 0.83 14.45 21.72
N GLU A 275 1.93 14.81 22.39
CA GLU A 275 2.66 16.02 22.00
C GLU A 275 3.13 15.94 20.55
N GLU A 276 3.68 14.80 20.14
CA GLU A 276 4.22 14.68 18.80
C GLU A 276 3.13 14.87 17.75
N GLY A 277 1.99 14.25 17.93
CA GLY A 277 0.88 14.42 16.97
C GLY A 277 0.26 15.80 17.00
N TRP A 278 0.12 16.38 18.19
CA TRP A 278 -0.38 17.76 18.26
C TRP A 278 0.51 18.70 17.43
N ILE A 279 1.83 18.59 17.60
CA ILE A 279 2.75 19.51 16.88
C ILE A 279 2.58 19.29 15.38
N TRP A 280 2.54 18.04 14.96
CA TRP A 280 2.34 17.73 13.53
C TRP A 280 1.05 18.41 13.07
N LYS A 281 -0.01 18.21 13.85
CA LYS A 281 -1.30 18.75 13.44
C LYS A 281 -1.23 20.26 13.30
N GLU A 282 -0.62 20.93 14.26
CA GLU A 282 -0.56 22.39 14.23
C GLU A 282 0.35 22.91 13.13
N GLU A 283 1.54 22.31 12.98
CA GLU A 283 2.48 22.78 11.95
C GLU A 283 1.94 22.58 10.55
N ASN A 284 1.02 21.63 10.35
CA ASN A 284 0.49 21.37 9.03
C ASN A 284 -0.92 21.91 8.85
N GLY A 285 -1.43 22.64 9.83
CA GLY A 285 -2.71 23.31 9.69
C GLY A 285 -3.87 22.36 9.51
N VAL A 286 -3.82 21.21 10.17
CA VAL A 286 -4.73 20.10 9.92
C VAL A 286 -5.98 20.28 10.76
N LYS A 287 -7.14 20.29 10.10
CA LYS A 287 -8.40 20.36 10.82
C LYS A 287 -9.35 19.25 10.43
N HIS A 288 -8.93 18.33 9.57
CA HIS A 288 -9.75 17.21 9.10
C HIS A 288 -8.84 16.30 8.30
N PRO A 289 -9.30 15.08 7.95
CA PRO A 289 -8.46 14.20 7.12
C PRO A 289 -7.99 14.85 5.83
N LYS A 290 -6.86 14.36 5.30
CA LYS A 290 -6.18 15.07 4.22
C LYS A 290 -7.05 15.21 2.98
N PHE A 291 -7.84 14.19 2.66
CA PHE A 291 -8.55 14.20 1.39
C PHE A 291 -10.01 14.59 1.54
N TRP A 292 -10.37 15.19 2.68
CA TRP A 292 -11.61 15.93 2.82
C TRP A 292 -11.34 17.38 2.44
N GLY A 293 -12.35 18.05 1.93
CA GLY A 293 -12.22 19.46 1.60
C GLY A 293 -13.51 20.18 1.92
N LYS A 294 -13.38 21.44 2.35
CA LYS A 294 -14.55 22.21 2.70
C LYS A 294 -14.34 23.64 2.27
N ARG A 295 -15.40 24.27 1.77
CA ARG A 295 -15.38 25.67 1.38
C ARG A 295 -16.60 26.33 2.00
N GLY A 296 -16.38 27.32 2.86
CA GLY A 296 -17.50 27.97 3.53
C GLY A 296 -18.30 26.99 4.35
N GLU A 297 -19.62 27.09 4.25
CA GLU A 297 -20.54 26.22 4.98
C GLU A 297 -21.04 25.04 4.16
N GLU A 298 -20.45 24.79 2.99
CA GLU A 298 -20.81 23.63 2.21
C GLU A 298 -20.36 22.36 2.91
N GLY A 299 -21.06 21.26 2.66
CA GLY A 299 -20.65 19.98 3.20
C GLY A 299 -19.27 19.58 2.70
N TYR A 300 -18.67 18.63 3.40
CA TYR A 300 -17.33 18.19 3.03
C TYR A 300 -17.33 17.51 1.68
N ARG A 301 -16.28 17.77 0.91
CA ARG A 301 -16.00 17.05 -0.32
C ARG A 301 -14.88 16.06 -0.05
N TYR A 302 -14.70 15.14 -0.98
CA TYR A 302 -13.73 14.08 -0.80
C TYR A 302 -13.00 13.87 -2.11
N ARG A 303 -11.67 13.82 -2.05
CA ARG A 303 -10.84 13.68 -3.25
C ARG A 303 -10.57 12.19 -3.54
N LEU A 304 -11.24 11.68 -4.58
CA LEU A 304 -10.88 10.44 -5.23
C LEU A 304 -9.57 10.65 -6.01
N MET A 305 -9.10 9.61 -6.71
CA MET A 305 -7.89 9.73 -7.52
C MET A 305 -7.88 10.99 -8.38
N PHE A 306 -8.98 11.26 -9.10
CA PHE A 306 -8.95 12.26 -10.16
C PHE A 306 -10.06 13.30 -10.07
N GLU A 307 -10.89 13.28 -9.05
CA GLU A 307 -12.01 14.21 -8.97
C GLU A 307 -12.50 14.22 -7.53
N GLU A 308 -13.32 15.22 -7.21
CA GLU A 308 -13.91 15.35 -5.89
C GLU A 308 -15.40 15.02 -5.96
N VAL A 309 -15.90 14.41 -4.89
CA VAL A 309 -17.30 14.05 -4.74
C VAL A 309 -17.74 14.48 -3.34
N GLU A 310 -19.04 14.42 -3.10
CA GLU A 310 -19.53 14.58 -1.74
C GLU A 310 -18.90 13.50 -0.86
N LEU A 311 -18.54 13.86 0.38
CA LEU A 311 -17.93 12.91 1.30
C LEU A 311 -18.73 11.60 1.34
N PRO A 312 -18.13 10.46 0.96
CA PRO A 312 -18.83 9.17 1.08
C PRO A 312 -18.78 8.67 2.50
N LEU A 313 -19.92 8.74 3.20
CA LEU A 313 -19.92 8.46 4.63
C LEU A 313 -19.56 7.02 4.94
N ASP A 314 -19.81 6.09 4.02
CA ASP A 314 -19.60 4.67 4.27
C ASP A 314 -18.23 4.18 3.82
N PHE A 315 -17.42 5.03 3.18
CA PHE A 315 -16.04 4.67 2.87
C PHE A 315 -15.22 4.64 4.16
N PRO A 316 -14.18 3.82 4.23
CA PRO A 316 -13.23 3.93 5.35
C PRO A 316 -12.53 5.28 5.30
N VAL A 317 -12.38 5.89 6.48
CA VAL A 317 -11.65 7.16 6.54
C VAL A 317 -10.19 6.87 6.27
N GLU A 318 -9.54 7.81 5.59
CA GLU A 318 -8.14 7.69 5.24
C GLU A 318 -7.36 8.72 6.04
N VAL A 319 -6.48 8.25 6.93
CA VAL A 319 -5.88 9.10 7.94
C VAL A 319 -4.42 8.75 8.12
N SER A 320 -3.70 9.67 8.73
CA SER A 320 -2.40 9.37 9.30
C SER A 320 -2.58 8.53 10.56
N LEU A 321 -1.47 7.91 10.99
CA LEU A 321 -1.46 7.17 12.24
C LEU A 321 -1.84 8.07 13.42
N TYR A 322 -1.34 9.29 13.45
CA TYR A 322 -1.68 10.22 14.53
C TYR A 322 -3.19 10.41 14.62
N GLU A 323 -3.84 10.63 13.47
CA GLU A 323 -5.29 10.87 13.48
C GLU A 323 -6.04 9.62 13.91
N ALA A 324 -5.57 8.44 13.51
CA ALA A 324 -6.18 7.19 13.97
C ALA A 324 -6.12 7.09 15.49
N MET A 325 -4.95 7.36 16.07
CA MET A 325 -4.81 7.32 17.52
C MET A 325 -5.67 8.36 18.21
N ALA A 326 -5.75 9.58 17.64
CA ALA A 326 -6.57 10.62 18.25
C ALA A 326 -8.04 10.21 18.27
N TYR A 327 -8.51 9.57 17.19
CA TYR A 327 -9.88 9.09 17.18
C TYR A 327 -10.09 8.00 18.23
N CYS A 328 -9.10 7.11 18.39
CA CYS A 328 -9.17 6.11 19.44
C CYS A 328 -9.35 6.75 20.81
N ARG A 329 -8.60 7.82 21.09
CA ARG A 329 -8.73 8.47 22.39
C ARG A 329 -10.09 9.12 22.54
N TYR A 330 -10.55 9.81 21.49
CA TYR A 330 -11.86 10.43 21.50
C TYR A 330 -12.96 9.40 21.74
N LEU A 331 -12.93 8.29 20.98
CA LEU A 331 -14.01 7.31 21.10
C LEU A 331 -14.00 6.62 22.46
N GLY A 332 -12.81 6.35 22.99
CA GLY A 332 -12.74 5.82 24.34
C GLY A 332 -13.39 6.75 25.35
N GLY A 333 -13.18 8.05 25.19
CA GLY A 333 -13.84 9.02 26.06
C GLY A 333 -15.35 8.95 25.93
N ARG A 334 -15.85 8.90 24.69
CA ARG A 334 -17.29 8.81 24.48
C ARG A 334 -17.87 7.52 25.03
N ASP A 335 -17.18 6.40 24.81
CA ASP A 335 -17.69 5.09 25.21
C ASP A 335 -17.35 4.71 26.64
N GLY A 336 -16.47 5.45 27.31
CA GLY A 336 -16.05 5.05 28.65
C GLY A 336 -15.15 3.84 28.67
N CYS A 337 -14.21 3.76 27.73
CA CYS A 337 -13.27 2.63 27.70
C CYS A 337 -12.00 3.12 27.03
N ASN A 338 -11.11 2.19 26.70
CA ASN A 338 -9.90 2.48 25.95
C ASN A 338 -9.88 1.69 24.65
N TYR A 339 -9.46 2.35 23.58
CA TYR A 339 -9.32 1.71 22.28
C TYR A 339 -7.88 1.85 21.82
N ARG A 340 -7.44 0.88 21.02
CA ARG A 340 -6.10 0.94 20.45
C ARG A 340 -6.14 0.31 19.07
N LEU A 341 -4.99 0.25 18.41
CA LEU A 341 -4.89 -0.45 17.13
C LEU A 341 -4.43 -1.88 17.33
N MET A 342 -4.73 -2.73 16.34
CA MET A 342 -4.24 -4.10 16.35
C MET A 342 -2.73 -4.18 16.33
N THR A 343 -2.24 -5.28 16.92
CA THR A 343 -0.88 -5.72 16.66
C THR A 343 -0.84 -6.50 15.36
N GLU A 344 0.39 -6.78 14.91
CA GLU A 344 0.55 -7.59 13.70
C GLU A 344 -0.06 -8.97 13.89
N GLY A 345 0.20 -9.59 15.04
CA GLY A 345 -0.38 -10.88 15.31
C GLY A 345 -1.90 -10.85 15.34
N GLU A 346 -2.46 -9.78 15.89
CA GLU A 346 -3.91 -9.66 15.96
C GLU A 346 -4.52 -9.60 14.57
N TRP A 347 -3.86 -8.93 13.63
CA TRP A 347 -4.44 -8.84 12.30
C TRP A 347 -4.51 -10.21 11.63
N HIS A 348 -3.48 -11.04 11.83
CA HIS A 348 -3.52 -12.37 11.22
C HIS A 348 -4.67 -13.19 11.78
N LEU A 349 -4.98 -13.01 13.06
CA LEU A 349 -6.11 -13.74 13.63
C LEU A 349 -7.43 -13.16 13.15
N ALA A 350 -7.55 -11.82 13.20
CA ALA A 350 -8.81 -11.19 12.81
C ALA A 350 -9.14 -11.42 11.35
N SER A 351 -8.13 -11.54 10.49
CA SER A 351 -8.31 -11.62 9.06
C SER A 351 -8.44 -13.04 8.52
N ARG A 352 -8.16 -14.06 9.34
CA ARG A 352 -8.14 -15.44 8.84
C ARG A 352 -9.44 -15.76 8.11
N LYS A 353 -9.33 -16.35 6.92
CA LYS A 353 -10.50 -16.71 6.14
C LYS A 353 -10.19 -17.96 5.34
N GLU A 354 -10.72 -19.11 5.77
CA GLU A 354 -10.54 -20.32 5.00
C GLU A 354 -11.32 -20.23 3.69
N GLY A 355 -10.73 -20.77 2.63
CA GLY A 355 -11.38 -20.76 1.34
C GLY A 355 -11.50 -19.39 0.71
N GLU A 356 -10.65 -18.45 1.09
CA GLU A 356 -10.72 -17.12 0.49
C GLU A 356 -10.35 -17.17 -0.99
N LYS A 357 -10.88 -16.23 -1.75
CA LYS A 357 -10.67 -16.15 -3.19
C LYS A 357 -10.26 -14.73 -3.55
N GLY A 358 -9.49 -14.58 -4.63
CA GLY A 358 -9.03 -13.26 -5.04
C GLY A 358 -10.17 -12.27 -5.24
N GLU A 359 -11.31 -12.75 -5.73
CA GLU A 359 -12.45 -11.88 -5.98
C GLU A 359 -13.15 -11.43 -4.70
N ASP A 360 -12.76 -11.95 -3.54
CA ASP A 360 -13.47 -11.60 -2.31
C ASP A 360 -13.19 -10.18 -1.84
N TYR A 361 -12.02 -9.64 -2.20
CA TYR A 361 -11.50 -8.43 -1.60
C TYR A 361 -11.36 -7.29 -2.60
N ASN A 362 -11.42 -6.07 -2.07
CA ASN A 362 -11.15 -4.89 -2.89
C ASN A 362 -9.64 -4.70 -2.94
N LEU A 363 -9.02 -5.54 -3.77
CA LEU A 363 -7.58 -5.57 -3.98
C LEU A 363 -7.36 -5.63 -5.49
N ASN A 364 -6.16 -5.30 -5.93
CA ASN A 364 -5.76 -5.53 -7.32
C ASN A 364 -6.64 -4.78 -8.30
N PHE A 365 -7.00 -3.54 -7.96
CA PHE A 365 -7.74 -2.65 -8.84
C PHE A 365 -9.10 -3.25 -9.22
N ARG A 366 -9.67 -4.05 -8.32
CA ARG A 366 -11.07 -4.42 -8.48
C ARG A 366 -11.94 -3.17 -8.61
N TYR A 367 -11.60 -2.15 -7.82
CA TYR A 367 -12.11 -0.80 -7.95
C TYR A 367 -10.93 0.14 -7.91
N HIS A 368 -11.11 1.36 -8.39
CA HIS A 368 -10.04 2.35 -8.30
C HIS A 368 -10.34 3.38 -7.22
N SER A 369 -10.97 2.91 -6.15
CA SER A 369 -11.26 3.70 -4.97
C SER A 369 -11.51 2.75 -3.82
N PRO A 370 -11.58 3.25 -2.58
CA PRO A 370 -12.09 2.41 -1.50
C PRO A 370 -13.53 2.05 -1.81
N THR A 371 -14.02 1.04 -1.10
CA THR A 371 -15.41 0.59 -1.18
C THR A 371 -16.11 0.87 0.15
N PRO A 372 -17.43 1.02 0.13
CA PRO A 372 -18.18 1.08 1.40
C PRO A 372 -17.81 -0.11 2.27
N VAL A 373 -17.56 0.16 3.55
CA VAL A 373 -17.16 -0.92 4.45
C VAL A 373 -18.26 -1.97 4.49
N GLY A 374 -17.86 -3.24 4.40
CA GLY A 374 -18.81 -4.33 4.42
C GLY A 374 -19.46 -4.64 3.09
N SER A 375 -19.32 -3.76 2.09
CA SER A 375 -20.01 -3.95 0.83
C SER A 375 -19.35 -5.02 -0.02
N MET A 376 -18.08 -5.33 0.24
CA MET A 376 -17.50 -6.55 -0.32
C MET A 376 -17.95 -7.66 0.61
N ARG A 377 -19.07 -8.30 0.27
CA ARG A 377 -19.71 -9.18 1.25
C ARG A 377 -18.90 -10.42 1.54
N GLU A 378 -18.03 -10.84 0.62
CA GLU A 378 -17.17 -11.99 0.86
C GLU A 378 -15.82 -11.60 1.46
N ALA A 379 -15.64 -10.32 1.78
CA ALA A 379 -14.45 -9.89 2.52
C ALA A 379 -14.68 -9.95 4.03
N ARG A 380 -15.48 -10.92 4.47
CA ARG A 380 -15.76 -11.14 5.88
C ARG A 380 -14.86 -12.26 6.37
N SER A 381 -14.04 -11.98 7.38
CA SER A 381 -13.17 -13.02 7.89
C SER A 381 -13.99 -14.08 8.61
N ASP A 382 -13.31 -15.15 8.99
CA ASP A 382 -14.00 -16.20 9.73
C ASP A 382 -14.42 -15.76 11.12
N SER A 383 -13.88 -14.64 11.61
CA SER A 383 -14.34 -14.04 12.86
C SER A 383 -15.34 -12.89 12.65
N GLY A 384 -15.79 -12.67 11.42
CA GLY A 384 -16.79 -11.65 11.16
C GLY A 384 -16.25 -10.26 10.96
N VAL A 385 -14.97 -10.13 10.64
CA VAL A 385 -14.32 -8.84 10.47
C VAL A 385 -14.19 -8.54 8.98
N TYR A 386 -14.61 -7.34 8.56
CA TYR A 386 -14.71 -7.00 7.14
C TYR A 386 -13.52 -6.17 6.66
N ASP A 387 -13.12 -6.46 5.41
CA ASP A 387 -12.06 -5.72 4.71
C ASP A 387 -10.74 -5.77 5.46
N CYS A 388 -10.39 -6.88 6.12
CA CYS A 388 -9.05 -6.98 6.67
C CYS A 388 -8.01 -6.99 5.58
N ARG A 389 -8.32 -7.63 4.46
CA ARG A 389 -7.54 -7.52 3.24
C ARG A 389 -8.29 -6.58 2.32
N GLY A 390 -7.57 -5.65 1.71
CA GLY A 390 -8.17 -4.79 0.71
C GLY A 390 -8.88 -3.58 1.26
N ASN A 391 -9.45 -2.81 0.33
CA ASN A 391 -10.17 -1.57 0.56
C ASN A 391 -9.29 -0.37 0.90
N VAL A 392 -8.58 -0.43 2.04
CA VAL A 392 -7.56 0.56 2.32
C VAL A 392 -6.63 -0.21 3.25
N TRP A 393 -5.33 0.11 3.18
CA TRP A 393 -4.39 -0.39 4.17
C TRP A 393 -4.93 -0.10 5.56
N GLU A 394 -4.56 -0.91 6.54
CA GLU A 394 -4.88 -0.50 7.89
C GLU A 394 -3.65 -0.39 8.76
N TRP A 395 -3.62 0.69 9.52
CA TRP A 395 -2.54 0.95 10.45
C TRP A 395 -2.54 -0.10 11.56
N LEU A 396 -1.34 -0.48 11.98
CA LEU A 396 -1.13 -1.30 13.15
C LEU A 396 -0.44 -0.45 14.22
N GLY A 397 -0.58 -0.86 15.47
CA GLY A 397 0.03 -0.17 16.58
C GLY A 397 1.48 -0.50 16.84
N GLU A 398 2.13 -1.25 15.96
CA GLU A 398 3.47 -1.75 16.18
C GLU A 398 4.42 -1.21 15.12
N LYS A 399 5.69 -1.09 15.52
CA LYS A 399 6.73 -0.51 14.68
C LYS A 399 7.37 -1.58 13.80
N LEU A 400 7.89 -1.14 12.66
CA LEU A 400 8.66 -2.04 11.81
C LEU A 400 9.92 -2.52 12.53
N LYS A 401 10.06 -3.84 12.64
CA LYS A 401 11.23 -4.49 13.19
C LYS A 401 11.55 -5.70 12.34
N PRO A 402 12.83 -6.07 12.23
CA PRO A 402 13.19 -7.31 11.56
C PRO A 402 12.83 -8.49 12.44
N LEU A 403 12.55 -9.61 11.79
CA LEU A 403 12.25 -10.83 12.53
C LEU A 403 13.53 -11.65 12.70
N GLU A 404 13.50 -12.55 13.68
CA GLU A 404 14.60 -13.48 13.85
C GLU A 404 14.86 -14.21 12.55
N GLY A 405 16.12 -14.17 12.10
CA GLY A 405 16.49 -14.77 10.84
C GLY A 405 16.59 -13.80 9.69
N PHE A 406 16.25 -12.53 9.92
CA PHE A 406 16.35 -11.49 8.89
C PHE A 406 17.73 -11.50 8.24
N THR A 407 17.74 -11.52 6.91
CA THR A 407 18.94 -11.35 6.12
C THR A 407 18.58 -10.52 4.90
N THR A 408 19.48 -9.65 4.47
CA THR A 408 19.24 -8.87 3.26
C THR A 408 19.49 -9.71 2.00
N HIS A 409 18.85 -9.30 0.91
CA HIS A 409 19.08 -9.93 -0.39
C HIS A 409 20.16 -9.17 -1.15
N TYR A 410 21.01 -9.93 -1.87
CA TYR A 410 22.18 -9.30 -2.49
C TYR A 410 21.79 -8.25 -3.53
N LEU A 411 20.57 -8.30 -4.06
CA LEU A 411 20.16 -7.34 -5.07
C LEU A 411 19.71 -6.00 -4.50
N TYR A 412 19.51 -5.90 -3.18
CA TYR A 412 18.89 -4.71 -2.64
C TYR A 412 19.12 -4.72 -1.13
N GLU A 413 20.29 -4.23 -0.72
CA GLU A 413 20.68 -4.31 0.69
C GLU A 413 19.81 -3.37 1.53
N ASP A 414 19.41 -2.24 0.98
CA ASP A 414 18.83 -1.16 1.78
C ASP A 414 17.32 -1.07 1.69
N TYR A 415 16.65 -2.17 1.32
CA TYR A 415 15.19 -2.14 1.15
C TYR A 415 14.47 -1.81 2.45
N SER A 416 14.90 -2.43 3.56
CA SER A 416 14.18 -2.30 4.83
C SER A 416 15.11 -1.90 5.98
N ALA A 417 16.34 -2.40 5.98
CA ALA A 417 17.27 -2.14 7.08
C ALA A 417 17.40 -0.67 7.48
N PRO A 418 17.45 0.31 6.57
CA PRO A 418 17.57 1.71 7.02
C PRO A 418 16.42 2.16 7.89
N PHE A 419 15.30 1.45 7.89
CA PHE A 419 14.08 1.93 8.54
C PHE A 419 13.75 1.19 9.82
N PHE A 420 14.69 0.39 10.32
CA PHE A 420 14.57 -0.25 11.64
C PHE A 420 14.98 0.76 12.73
N ASP A 421 14.30 1.90 12.74
CA ASP A 421 14.64 3.01 13.63
C ASP A 421 13.60 3.22 14.72
N ASP A 422 12.63 2.31 14.83
CA ASP A 422 11.48 2.45 15.74
C ASP A 422 10.71 3.74 15.50
N ASN A 423 10.79 4.29 14.27
CA ASN A 423 10.02 5.47 13.90
C ASN A 423 9.05 5.19 12.75
N HIS A 424 8.96 3.95 12.30
CA HIS A 424 8.04 3.58 11.23
C HIS A 424 7.05 2.57 11.77
N TYR A 425 5.77 2.77 11.43
CA TYR A 425 4.72 1.88 11.88
C TYR A 425 4.31 0.91 10.77
N LEU A 426 3.87 -0.28 11.18
CA LEU A 426 3.39 -1.26 10.21
C LEU A 426 2.01 -0.86 9.67
N LEU A 427 1.81 -1.17 8.40
CA LEU A 427 0.57 -1.00 7.66
C LEU A 427 0.32 -2.34 6.98
N ILE A 428 -0.92 -2.83 6.96
CA ILE A 428 -1.12 -4.22 6.54
C ILE A 428 -2.40 -4.40 5.74
N GLY A 429 -2.38 -5.41 4.86
CA GLY A 429 -3.58 -5.97 4.26
C GLY A 429 -3.91 -5.45 2.90
N GLY A 430 -3.30 -4.35 2.47
CA GLY A 430 -3.47 -3.85 1.12
C GLY A 430 -4.69 -2.96 0.95
N SER A 431 -4.64 -2.14 -0.11
CA SER A 431 -5.75 -1.28 -0.52
C SER A 431 -6.23 -1.70 -1.90
N TRP A 432 -7.23 -0.96 -2.41
CA TRP A 432 -7.72 -1.18 -3.76
C TRP A 432 -6.59 -1.09 -4.78
N ALA A 433 -5.54 -0.36 -4.47
CA ALA A 433 -4.44 -0.10 -5.39
C ALA A 433 -3.29 -1.10 -5.24
N SER A 434 -3.41 -2.07 -4.32
CA SER A 434 -2.33 -3.02 -4.06
C SER A 434 -2.49 -4.25 -4.94
N SER A 435 -1.44 -4.56 -5.69
CA SER A 435 -1.44 -5.70 -6.60
C SER A 435 -0.20 -6.55 -6.37
N GLY A 436 -0.19 -7.72 -7.00
CA GLY A 436 0.99 -8.57 -6.86
C GLY A 436 1.29 -8.92 -5.41
N HIS A 437 2.57 -8.94 -5.07
CA HIS A 437 2.93 -9.30 -3.70
C HIS A 437 2.51 -8.24 -2.69
N SER A 438 2.30 -6.99 -3.12
CA SER A 438 1.87 -6.00 -2.14
C SER A 438 0.46 -6.27 -1.64
N ALA A 439 -0.30 -7.13 -2.34
CA ALA A 439 -1.60 -7.56 -1.87
C ALA A 439 -1.55 -8.81 -0.99
N SER A 440 -0.35 -9.33 -0.70
CA SER A 440 -0.19 -10.53 0.11
C SER A 440 -0.49 -10.29 1.59
N ARG A 441 -0.99 -11.34 2.25
CA ARG A 441 -1.08 -11.34 3.71
C ARG A 441 0.28 -11.16 4.37
N PHE A 442 1.36 -11.47 3.65
CA PHE A 442 2.69 -11.64 4.24
C PHE A 442 3.65 -10.57 3.78
N TYR A 443 3.18 -9.58 3.05
CA TYR A 443 3.94 -8.38 2.74
C TYR A 443 3.95 -7.47 3.96
N ARG A 444 5.12 -7.19 4.50
CA ARG A 444 5.25 -6.36 5.70
C ARG A 444 5.59 -4.94 5.27
N ASN A 445 4.62 -4.05 5.41
CA ASN A 445 4.65 -2.68 4.92
C ASN A 445 4.79 -1.71 6.09
N TRP A 446 5.31 -0.51 5.81
CA TRP A 446 5.61 0.44 6.89
C TRP A 446 5.65 1.87 6.36
N PHE A 447 5.29 2.82 7.25
CA PHE A 447 5.37 4.23 6.91
C PHE A 447 5.58 5.05 8.18
N ARG A 448 6.06 6.27 7.99
CA ARG A 448 6.14 7.21 9.12
C ARG A 448 4.70 7.54 9.50
N PRO A 449 4.43 7.86 10.77
CA PRO A 449 3.06 8.06 11.23
C PRO A 449 2.34 9.26 10.60
N TYR A 450 3.08 10.14 9.95
CA TYR A 450 2.49 11.34 9.32
C TYR A 450 2.41 11.18 7.80
N PHE A 451 2.75 10.00 7.28
CA PHE A 451 2.77 9.84 5.81
C PHE A 451 1.39 9.37 5.35
N TYR A 452 0.94 9.92 4.24
CA TYR A 452 -0.42 9.55 3.79
C TYR A 452 -0.39 8.46 2.73
N GLN A 453 -1.28 7.51 2.91
CA GLN A 453 -1.48 6.43 1.96
C GLN A 453 -2.98 6.23 1.78
N HIS A 454 -3.35 5.32 0.89
CA HIS A 454 -4.74 4.86 0.82
C HIS A 454 -4.93 3.95 2.04
N ALA A 455 -5.11 4.56 3.20
CA ALA A 455 -4.89 3.85 4.46
C ALA A 455 -5.82 4.35 5.55
N GLY A 456 -6.41 3.40 6.29
CA GLY A 456 -7.33 3.64 7.38
C GLY A 456 -6.98 2.80 8.61
N PHE A 457 -8.00 2.49 9.41
CA PHE A 457 -7.77 1.75 10.64
C PHE A 457 -9.10 1.20 11.16
N ARG A 458 -8.99 0.23 12.07
CA ARG A 458 -10.14 -0.22 12.85
C ARG A 458 -9.78 -0.17 14.33
N LEU A 459 -10.78 -0.43 15.18
CA LEU A 459 -10.64 -0.25 16.62
C LEU A 459 -10.46 -1.60 17.32
N VAL A 460 -9.59 -1.62 18.33
CA VAL A 460 -9.49 -2.76 19.24
C VAL A 460 -9.81 -2.27 20.65
N LEU A 461 -10.61 -3.04 21.39
CA LEU A 461 -10.86 -2.71 22.79
C LEU A 461 -9.63 -3.04 23.61
N ALA A 462 -9.07 -2.04 24.29
CA ALA A 462 -7.81 -2.21 24.99
C ALA A 462 -8.06 -2.64 26.44
#